data_6OR1
#
_entry.id   6OR1
#
_cell.length_a   46.658
_cell.length_b   46.658
_cell.length_c   222.696
_cell.angle_alpha   90.00
_cell.angle_beta   90.00
_cell.angle_gamma   90.00
#
_symmetry.space_group_name_H-M   'P 43 21 2'
#
loop_
_entity.id
_entity.type
_entity.pdbx_description
1 polymer 'Nuclear receptor subfamily 5 group A member 2'
2 polymer 'Nuclear receptor coactivator 2'
3 non-polymer N-[(1S,3aR,6aR)-5-hexyl-4-phenyl-3a-(1-phenylethenyl)-1,2,3,3a,6,6a-hexahydropentalen-1-yl]acetamide
4 water water
#
loop_
_entity_poly.entity_id
_entity_poly.type
_entity_poly.pdbx_seq_one_letter_code
_entity_poly.pdbx_strand_id
1 'polypeptide(L)'
;SNASIPHLILELLKCEPDEPQVQAKIMAYLQQEQANRSKHEKLSTFGLMCKMADQTLFSIVEWARSSIFFRELKVDDQMK
LLQNCWSELLILDHIYRQVVHGKEGSIFLVTGQQVDYSIIASQAGATLNNLMSHAQELVAKLRSLQFDQREFVCLKFLVL
FSLDVKNLENFQLVEGVQEQVNAALLDYTMCNYPQQTEKFGQLLLRLPEIRAISMQAEEYLYYKHLNGDVPYNNLLIEML
HAKRA
;
A
2 'polypeptide(L)' KENALLRYLLDKDDT C
#
# COMPACT_ATOMS: atom_id res chain seq x y z
N SER A 4 -3.54 0.01 -26.80
CA SER A 4 -2.56 1.09 -26.81
C SER A 4 -2.17 1.47 -25.38
N ILE A 5 -1.02 0.97 -24.95
CA ILE A 5 -0.53 1.21 -23.59
C ILE A 5 0.98 1.42 -23.67
N PRO A 6 1.55 2.43 -23.00
CA PRO A 6 3.01 2.60 -23.06
C PRO A 6 3.73 1.35 -22.57
N HIS A 7 4.80 0.99 -23.28
N HIS A 7 4.80 0.99 -23.28
CA HIS A 7 5.56 -0.21 -22.93
CA HIS A 7 5.58 -0.20 -22.93
C HIS A 7 5.96 -0.21 -21.45
C HIS A 7 5.95 -0.20 -21.46
N LEU A 8 6.28 0.96 -20.90
CA LEU A 8 6.70 1.03 -19.51
C LEU A 8 5.59 0.54 -18.58
N ILE A 9 4.35 0.96 -18.83
CA ILE A 9 3.25 0.55 -17.96
C ILE A 9 3.02 -0.95 -18.07
N LEU A 10 3.26 -1.54 -19.23
CA LEU A 10 3.18 -2.99 -19.36
C LEU A 10 4.22 -3.68 -18.49
N GLU A 11 5.44 -3.13 -18.46
CA GLU A 11 6.49 -3.71 -17.63
C GLU A 11 6.12 -3.63 -16.16
N LEU A 12 5.46 -2.55 -15.74
CA LEU A 12 5.01 -2.47 -14.35
C LEU A 12 3.86 -3.44 -14.10
N LEU A 13 3.05 -3.73 -15.12
CA LEU A 13 1.91 -4.63 -14.94
C LEU A 13 2.37 -6.07 -14.74
N LYS A 14 3.40 -6.50 -15.46
CA LYS A 14 3.89 -7.86 -15.33
C LYS A 14 4.52 -8.13 -13.97
N CYS A 15 4.90 -7.08 -13.24
CA CYS A 15 5.45 -7.23 -11.90
C CYS A 15 4.38 -7.34 -10.82
N GLU A 16 3.11 -7.19 -11.18
CA GLU A 16 2.05 -7.26 -10.19
C GLU A 16 1.87 -8.70 -9.72
N PRO A 17 1.65 -8.92 -8.42
CA PRO A 17 1.46 -10.28 -7.92
C PRO A 17 0.07 -10.81 -8.25
N ASP A 18 -0.07 -12.13 -8.17
CA ASP A 18 -1.36 -12.78 -8.37
C ASP A 18 -2.19 -12.54 -7.12
N GLU A 19 -3.14 -11.61 -7.20
CA GLU A 19 -3.92 -11.21 -6.04
C GLU A 19 -4.55 -12.40 -5.31
N PRO A 20 -5.18 -13.37 -5.98
CA PRO A 20 -5.84 -14.45 -5.25
C PRO A 20 -4.87 -15.25 -4.37
N GLN A 21 -3.64 -15.47 -4.84
CA GLN A 21 -2.69 -16.28 -4.09
C GLN A 21 -2.12 -15.51 -2.91
N VAL A 22 -1.91 -14.21 -3.07
CA VAL A 22 -1.48 -13.38 -1.93
C VAL A 22 -2.55 -13.37 -0.85
N GLN A 23 -3.83 -13.29 -1.26
CA GLN A 23 -4.91 -13.21 -0.29
C GLN A 23 -5.20 -14.56 0.36
N ALA A 24 -5.09 -15.65 -0.41
CA ALA A 24 -5.29 -16.97 0.18
C ALA A 24 -4.22 -17.30 1.20
N LYS A 25 -2.98 -16.86 0.95
CA LYS A 25 -1.91 -17.11 1.89
C LYS A 25 -2.14 -16.39 3.20
N ILE A 26 -2.48 -15.09 3.13
CA ILE A 26 -2.74 -14.32 4.34
C ILE A 26 -3.91 -14.91 5.11
N MET A 27 -5.00 -15.25 4.40
CA MET A 27 -6.14 -15.87 5.06
C MET A 27 -5.73 -17.15 5.77
N ALA A 28 -4.88 -17.97 5.13
CA ALA A 28 -4.46 -19.21 5.75
C ALA A 28 -3.64 -18.96 7.00
N TYR A 29 -2.69 -18.03 6.94
CA TYR A 29 -1.86 -17.72 8.10
C TYR A 29 -2.71 -17.34 9.29
N LEU A 30 -3.69 -16.45 9.08
CA LEU A 30 -4.51 -15.96 10.19
C LEU A 30 -5.38 -17.07 10.76
N GLN A 31 -5.83 -18.01 9.94
CA GLN A 31 -6.64 -19.12 10.44
C GLN A 31 -5.84 -19.97 11.42
N GLN A 32 -4.60 -20.32 11.05
CA GLN A 32 -3.78 -21.15 11.94
C GLN A 32 -3.48 -20.43 13.25
N GLU A 33 -3.20 -19.14 13.19
CA GLU A 33 -2.87 -18.40 14.40
C GLU A 33 -4.03 -18.43 15.40
N GLN A 34 -5.26 -18.30 14.91
CA GLN A 34 -6.42 -18.36 15.79
C GLN A 34 -6.63 -19.78 16.32
N ALA A 35 -6.26 -20.78 15.54
CA ALA A 35 -6.40 -22.17 15.99
C ALA A 35 -5.51 -22.47 17.18
N ASN A 36 -4.37 -21.79 17.30
CA ASN A 36 -3.43 -22.05 18.37
C ASN A 36 -3.72 -21.25 19.63
N ARG A 37 -4.72 -20.38 19.62
CA ARG A 37 -5.05 -19.55 20.76
C ARG A 37 -6.16 -20.19 21.58
N SER A 38 -5.97 -20.24 22.89
CA SER A 38 -7.02 -20.66 23.79
C SER A 38 -8.01 -19.53 24.03
N LYS A 39 -9.25 -19.90 24.32
CA LYS A 39 -10.31 -18.90 24.50
C LYS A 39 -9.86 -17.76 25.40
N HIS A 40 -9.27 -18.09 26.55
CA HIS A 40 -8.71 -17.07 27.44
C HIS A 40 -7.47 -16.45 26.82
N LEU A 43 -7.31 -11.64 21.90
CA LEU A 43 -6.83 -10.88 20.75
C LEU A 43 -7.89 -9.91 20.26
N SER A 44 -7.73 -8.63 20.58
CA SER A 44 -8.72 -7.63 20.20
C SER A 44 -8.76 -7.46 18.69
N THR A 45 -9.83 -6.83 18.22
CA THR A 45 -9.98 -6.58 16.79
C THR A 45 -8.85 -5.74 16.26
N PHE A 46 -8.37 -4.78 17.05
CA PHE A 46 -7.22 -3.99 16.64
C PHE A 46 -5.97 -4.86 16.51
N GLY A 47 -5.77 -5.78 17.46
CA GLY A 47 -4.65 -6.70 17.35
C GLY A 47 -4.71 -7.55 16.09
N LEU A 48 -5.91 -8.03 15.75
CA LEU A 48 -6.06 -8.82 14.53
C LEU A 48 -5.64 -8.03 13.31
N MET A 49 -6.09 -6.77 13.21
CA MET A 49 -5.72 -5.95 12.06
C MET A 49 -4.22 -5.74 11.99
N CYS A 50 -3.55 -5.63 13.15
CA CYS A 50 -2.10 -5.52 13.16
C CYS A 50 -1.47 -6.78 12.57
N LYS A 51 -1.98 -7.96 12.95
CA LYS A 51 -1.49 -9.20 12.37
C LYS A 51 -1.71 -9.21 10.86
N MET A 52 -2.90 -8.80 10.42
CA MET A 52 -3.23 -8.82 9.00
C MET A 52 -2.34 -7.87 8.21
N ALA A 53 -2.11 -6.66 8.74
CA ALA A 53 -1.22 -5.73 8.06
C ALA A 53 0.22 -6.22 8.08
N ASP A 54 0.62 -6.86 9.18
CA ASP A 54 1.96 -7.43 9.25
C ASP A 54 2.20 -8.42 8.11
N GLN A 55 1.25 -9.34 7.90
CA GLN A 55 1.39 -10.29 6.80
C GLN A 55 1.34 -9.58 5.45
N THR A 56 0.56 -8.51 5.34
CA THR A 56 0.53 -7.77 4.07
C THR A 56 1.87 -7.14 3.77
N LEU A 57 2.61 -6.73 4.79
CA LEU A 57 3.92 -6.13 4.56
C LEU A 57 4.91 -7.15 4.00
N PHE A 58 4.81 -8.41 4.44
CA PHE A 58 5.66 -9.45 3.89
C PHE A 58 5.51 -9.56 2.38
N SER A 59 4.26 -9.51 1.88
CA SER A 59 4.02 -9.66 0.45
C SER A 59 4.38 -8.39 -0.30
N ILE A 60 4.30 -7.23 0.34
CA ILE A 60 4.75 -5.99 -0.29
C ILE A 60 6.26 -6.03 -0.51
N VAL A 61 7.01 -6.46 0.51
CA VAL A 61 8.46 -6.58 0.36
C VAL A 61 8.80 -7.54 -0.78
N GLU A 62 8.11 -8.69 -0.83
CA GLU A 62 8.39 -9.65 -1.89
C GLU A 62 8.05 -9.07 -3.26
N TRP A 63 6.96 -8.32 -3.36
CA TRP A 63 6.63 -7.66 -4.62
C TRP A 63 7.74 -6.72 -5.06
N ALA A 64 8.04 -5.72 -4.23
CA ALA A 64 9.08 -4.76 -4.55
C ALA A 64 10.39 -5.46 -4.91
N ARG A 65 10.77 -6.45 -4.09
CA ARG A 65 12.04 -7.15 -4.31
C ARG A 65 12.16 -7.68 -5.73
N SER A 66 11.04 -8.09 -6.33
CA SER A 66 11.06 -8.70 -7.65
C SER A 66 10.68 -7.73 -8.76
N SER A 67 10.42 -6.47 -8.43
CA SER A 67 9.93 -5.52 -9.41
C SER A 67 11.08 -4.88 -10.19
N ILE A 68 10.79 -4.54 -11.45
CA ILE A 68 11.72 -3.85 -12.33
C ILE A 68 12.25 -2.60 -11.63
N PHE A 69 13.48 -2.21 -11.95
CA PHE A 69 14.13 -1.04 -11.37
C PHE A 69 14.52 -1.28 -9.92
N PHE A 70 13.54 -1.59 -9.07
CA PHE A 70 13.82 -1.81 -7.65
C PHE A 70 14.86 -2.91 -7.47
N ARG A 71 14.73 -4.01 -8.24
CA ARG A 71 15.67 -5.12 -8.10
C ARG A 71 17.07 -4.77 -8.53
N GLU A 72 17.28 -3.61 -9.15
CA GLU A 72 18.62 -3.16 -9.50
C GLU A 72 19.29 -2.37 -8.38
N LEU A 73 18.53 -1.91 -7.40
CA LEU A 73 19.08 -1.17 -6.28
C LEU A 73 19.79 -2.11 -5.32
N LYS A 74 20.82 -1.60 -4.66
CA LYS A 74 21.49 -2.35 -3.61
C LYS A 74 20.61 -2.41 -2.38
N VAL A 75 20.87 -3.40 -1.52
CA VAL A 75 19.99 -3.67 -0.39
C VAL A 75 19.80 -2.42 0.45
N ASP A 76 20.89 -1.69 0.73
CA ASP A 76 20.79 -0.50 1.56
C ASP A 76 19.82 0.51 0.97
N ASP A 77 19.94 0.79 -0.32
CA ASP A 77 18.99 1.70 -0.97
C ASP A 77 17.58 1.13 -0.95
N GLN A 78 17.45 -0.18 -1.15
CA GLN A 78 16.13 -0.80 -1.10
C GLN A 78 15.49 -0.60 0.27
N MET A 79 16.27 -0.73 1.34
CA MET A 79 15.73 -0.60 2.69
C MET A 79 15.22 0.82 2.93
N LYS A 80 15.96 1.83 2.46
CA LYS A 80 15.56 3.21 2.71
C LYS A 80 14.26 3.55 1.98
N LEU A 81 14.08 3.01 0.77
CA LEU A 81 12.86 3.29 0.02
C LEU A 81 11.64 2.69 0.73
N LEU A 82 11.74 1.44 1.16
CA LEU A 82 10.58 0.78 1.78
C LEU A 82 10.29 1.33 3.16
N GLN A 83 11.32 1.75 3.90
CA GLN A 83 11.08 2.35 5.21
C GLN A 83 10.40 3.70 5.10
N ASN A 84 10.46 4.34 3.94
CA ASN A 84 9.82 5.64 3.75
C ASN A 84 8.39 5.56 3.23
N CYS A 85 8.00 4.45 2.61
CA CYS A 85 6.72 4.37 1.92
C CYS A 85 5.89 3.16 2.32
N TRP A 86 6.31 2.36 3.30
CA TRP A 86 5.59 1.14 3.61
C TRP A 86 4.14 1.42 3.98
N SER A 87 3.90 2.48 4.77
CA SER A 87 2.54 2.80 5.18
C SER A 87 1.70 3.30 4.00
N GLU A 88 2.31 4.09 3.11
CA GLU A 88 1.59 4.58 1.94
C GLU A 88 1.13 3.42 1.07
N LEU A 89 1.98 2.41 0.91
CA LEU A 89 1.61 1.27 0.08
C LEU A 89 0.45 0.48 0.69
N LEU A 90 0.44 0.34 2.03
CA LEU A 90 -0.69 -0.30 2.68
C LEU A 90 -1.98 0.46 2.41
N ILE A 91 -1.97 1.77 2.64
CA ILE A 91 -3.18 2.57 2.47
C ILE A 91 -3.61 2.60 1.02
N LEU A 92 -2.65 2.67 0.09
CA LEU A 92 -3.00 2.69 -1.32
C LEU A 92 -3.63 1.37 -1.76
N ASP A 93 -3.09 0.25 -1.28
CA ASP A 93 -3.70 -1.05 -1.58
C ASP A 93 -5.09 -1.16 -0.96
N HIS A 94 -5.26 -0.63 0.26
CA HIS A 94 -6.58 -0.59 0.87
C HIS A 94 -7.55 0.19 0.00
N ILE A 95 -7.16 1.41 -0.38
CA ILE A 95 -8.03 2.26 -1.19
C ILE A 95 -8.42 1.55 -2.48
N TYR A 96 -7.44 1.06 -3.23
CA TYR A 96 -7.73 0.38 -4.49
C TYR A 96 -8.63 -0.83 -4.25
N ARG A 97 -8.46 -1.51 -3.11
CA ARG A 97 -9.31 -2.65 -2.80
C ARG A 97 -10.77 -2.24 -2.71
N GLN A 98 -11.06 -1.10 -2.07
CA GLN A 98 -12.44 -0.64 -1.99
C GLN A 98 -12.95 -0.14 -3.33
N VAL A 99 -12.07 0.42 -4.17
CA VAL A 99 -12.49 0.88 -5.49
C VAL A 99 -13.02 -0.28 -6.32
N VAL A 100 -12.29 -1.39 -6.32
CA VAL A 100 -12.66 -2.53 -7.14
C VAL A 100 -13.83 -3.30 -6.51
N HIS A 101 -13.64 -3.77 -5.28
CA HIS A 101 -14.59 -4.67 -4.64
C HIS A 101 -15.49 -3.99 -3.62
N GLY A 102 -15.26 -2.72 -3.32
CA GLY A 102 -15.92 -2.10 -2.19
C GLY A 102 -17.40 -1.85 -2.42
N LYS A 103 -18.12 -1.72 -1.31
CA LYS A 103 -19.54 -1.39 -1.30
C LYS A 103 -19.79 -0.45 -0.13
N GLU A 104 -20.65 0.53 -0.34
CA GLU A 104 -20.98 1.47 0.73
C GLU A 104 -21.47 0.71 1.96
N GLY A 105 -20.98 1.10 3.12
CA GLY A 105 -21.29 0.41 4.35
C GLY A 105 -20.49 -0.86 4.59
N SER A 106 -19.50 -1.14 3.75
CA SER A 106 -18.69 -2.36 3.88
C SER A 106 -17.23 -2.02 3.64
N ILE A 107 -16.36 -2.85 4.23
CA ILE A 107 -14.92 -2.73 4.07
C ILE A 107 -14.39 -4.10 3.66
N PHE A 108 -13.67 -4.15 2.54
CA PHE A 108 -13.10 -5.39 2.04
C PHE A 108 -11.64 -5.49 2.48
N LEU A 109 -11.31 -6.59 3.13
CA LEU A 109 -9.98 -6.78 3.72
C LEU A 109 -9.09 -7.55 2.76
N VAL A 110 -7.78 -7.51 3.05
CA VAL A 110 -6.80 -8.19 2.21
C VAL A 110 -7.05 -9.70 2.19
N THR A 111 -7.81 -10.22 3.14
CA THR A 111 -8.15 -11.64 3.18
C THR A 111 -9.31 -12.00 2.27
N GLY A 112 -9.87 -11.05 1.54
CA GLY A 112 -11.08 -11.28 0.78
C GLY A 112 -12.35 -11.24 1.59
N GLN A 113 -12.26 -11.00 2.90
CA GLN A 113 -13.43 -10.92 3.75
C GLN A 113 -14.06 -9.54 3.65
N GLN A 114 -15.39 -9.50 3.82
CA GLN A 114 -16.17 -8.28 3.80
C GLN A 114 -16.73 -8.04 5.19
N VAL A 115 -16.60 -6.82 5.68
CA VAL A 115 -17.03 -6.47 7.03
C VAL A 115 -17.86 -5.19 6.98
N ASP A 116 -18.85 -5.12 7.87
CA ASP A 116 -19.74 -3.98 7.93
C ASP A 116 -19.04 -2.79 8.59
N TYR A 117 -19.29 -1.59 8.05
CA TYR A 117 -18.63 -0.40 8.59
C TYR A 117 -19.06 -0.12 10.02
N SER A 118 -20.35 -0.32 10.33
CA SER A 118 -20.84 -0.02 11.67
C SER A 118 -20.23 -0.93 12.72
N ILE A 119 -19.84 -2.15 12.33
CA ILE A 119 -19.17 -3.04 13.27
C ILE A 119 -17.76 -2.52 13.56
N ILE A 120 -17.03 -2.13 12.51
CA ILE A 120 -15.66 -1.68 12.69
C ILE A 120 -15.63 -0.30 13.36
N ALA A 121 -16.46 0.63 12.87
CA ALA A 121 -16.50 1.96 13.45
C ALA A 121 -16.80 1.93 14.94
N SER A 122 -17.47 0.88 15.43
CA SER A 122 -17.74 0.77 16.86
C SER A 122 -16.47 0.52 17.66
N GLN A 123 -15.44 -0.06 17.04
CA GLN A 123 -14.27 -0.52 17.76
C GLN A 123 -13.00 0.21 17.41
N ALA A 124 -12.95 0.90 16.26
CA ALA A 124 -11.69 1.44 15.77
C ALA A 124 -11.20 2.62 16.60
N GLY A 125 -12.11 3.36 17.23
CA GLY A 125 -11.76 4.57 17.93
C GLY A 125 -11.87 5.79 17.04
N ALA A 126 -11.75 6.96 17.68
CA ALA A 126 -12.00 8.22 16.98
C ALA A 126 -10.93 8.47 15.92
N THR A 127 -9.65 8.24 16.26
CA THR A 127 -8.57 8.57 15.34
C THR A 127 -8.62 7.69 14.09
N LEU A 128 -8.78 6.38 14.26
CA LEU A 128 -8.85 5.50 13.09
C LEU A 128 -10.11 5.76 12.28
N ASN A 129 -11.24 5.96 12.95
CA ASN A 129 -12.46 6.30 12.22
C ASN A 129 -12.25 7.54 11.37
N ASN A 130 -11.52 8.53 11.91
CA ASN A 130 -11.23 9.73 11.13
C ASN A 130 -10.36 9.39 9.92
N LEU A 131 -9.31 8.59 10.12
CA LEU A 131 -8.43 8.25 9.01
C LEU A 131 -9.13 7.35 8.01
N MET A 132 -9.95 6.41 8.49
CA MET A 132 -10.73 5.59 7.57
C MET A 132 -11.69 6.45 6.74
N SER A 133 -12.30 7.45 7.38
CA SER A 133 -13.24 8.33 6.68
C SER A 133 -12.54 9.09 5.56
N HIS A 134 -11.35 9.64 5.84
CA HIS A 134 -10.62 10.37 4.80
C HIS A 134 -10.24 9.44 3.66
N ALA A 135 -9.90 8.19 3.96
CA ALA A 135 -9.62 7.22 2.91
C ALA A 135 -10.85 6.95 2.06
N GLN A 136 -12.01 6.80 2.71
CA GLN A 136 -13.24 6.56 1.95
CA GLN A 136 -13.25 6.56 1.96
C GLN A 136 -13.54 7.72 1.01
N GLU A 137 -13.28 8.95 1.44
CA GLU A 137 -13.48 10.08 0.56
C GLU A 137 -12.56 10.01 -0.66
N LEU A 138 -11.34 9.47 -0.47
CA LEU A 138 -10.47 9.20 -1.61
C LEU A 138 -11.06 8.09 -2.49
N VAL A 139 -11.65 7.07 -1.87
CA VAL A 139 -12.26 5.98 -2.63
C VAL A 139 -13.33 6.54 -3.58
N ALA A 140 -14.29 7.28 -3.03
CA ALA A 140 -15.37 7.83 -3.84
C ALA A 140 -14.81 8.69 -4.97
N LYS A 141 -13.79 9.50 -4.66
CA LYS A 141 -13.20 10.36 -5.69
C LYS A 141 -12.56 9.52 -6.80
N LEU A 142 -11.76 8.52 -6.41
CA LEU A 142 -11.11 7.67 -7.41
C LEU A 142 -12.13 6.88 -8.21
N ARG A 143 -13.22 6.45 -7.57
CA ARG A 143 -14.23 5.66 -8.27
C ARG A 143 -14.91 6.49 -9.36
N SER A 144 -15.21 7.75 -9.08
CA SER A 144 -15.83 8.61 -10.08
C SER A 144 -14.89 8.94 -11.22
N LEU A 145 -13.58 8.88 -10.99
CA LEU A 145 -12.61 9.07 -12.06
C LEU A 145 -12.37 7.81 -12.88
N GLN A 146 -12.90 6.67 -12.45
CA GLN A 146 -12.70 5.40 -13.13
C GLN A 146 -11.25 4.92 -13.00
N PHE A 147 -10.71 5.08 -11.79
CA PHE A 147 -9.39 4.55 -11.44
C PHE A 147 -9.27 3.09 -11.85
N ASP A 148 -8.32 2.79 -12.73
CA ASP A 148 -8.12 1.44 -13.24
C ASP A 148 -6.73 0.94 -12.86
N GLN A 149 -6.46 -0.32 -13.22
CA GLN A 149 -5.25 -0.99 -12.74
C GLN A 149 -4.00 -0.35 -13.32
N ARG A 150 -4.04 0.09 -14.58
CA ARG A 150 -2.87 0.73 -15.17
C ARG A 150 -2.47 1.97 -14.38
N GLU A 151 -3.44 2.83 -14.07
CA GLU A 151 -3.16 3.99 -13.24
C GLU A 151 -2.74 3.58 -11.83
N PHE A 152 -3.23 2.45 -11.36
CA PHE A 152 -2.90 1.99 -10.01
C PHE A 152 -1.43 1.64 -9.89
N VAL A 153 -0.91 0.83 -10.81
CA VAL A 153 0.48 0.39 -10.73
CA VAL A 153 0.48 0.39 -10.73
C VAL A 153 1.42 1.59 -10.88
N CYS A 154 1.04 2.57 -11.70
CA CYS A 154 1.84 3.79 -11.82
C CYS A 154 1.97 4.47 -10.46
N LEU A 155 0.84 4.67 -9.78
CA LEU A 155 0.88 5.33 -8.47
C LEU A 155 1.66 4.51 -7.46
N LYS A 156 1.57 3.18 -7.54
CA LYS A 156 2.37 2.33 -6.68
C LYS A 156 3.85 2.63 -6.85
N PHE A 157 4.31 2.77 -8.09
CA PHE A 157 5.72 3.03 -8.33
C PHE A 157 6.10 4.47 -8.00
N LEU A 158 5.20 5.43 -8.20
CA LEU A 158 5.48 6.80 -7.79
C LEU A 158 5.58 6.91 -6.27
N VAL A 159 4.81 6.09 -5.54
CA VAL A 159 4.93 6.07 -4.08
C VAL A 159 6.25 5.43 -3.68
N LEU A 160 6.59 4.29 -4.30
CA LEU A 160 7.80 3.57 -3.93
C LEU A 160 9.05 4.39 -4.24
N PHE A 161 9.16 4.89 -5.46
CA PHE A 161 10.32 5.66 -5.89
C PHE A 161 10.10 7.14 -5.59
N SER A 162 10.18 7.47 -4.30
CA SER A 162 9.86 8.81 -3.81
C SER A 162 11.09 9.70 -3.80
N LEU A 163 10.90 10.95 -4.20
CA LEU A 163 11.96 11.95 -4.16
C LEU A 163 12.26 12.44 -2.75
N ASP A 164 11.39 12.14 -1.78
CA ASP A 164 11.64 12.54 -0.39
C ASP A 164 12.69 11.67 0.29
N VAL A 165 13.19 10.64 -0.37
CA VAL A 165 14.13 9.71 0.25
C VAL A 165 15.54 10.24 0.03
N LYS A 166 16.28 10.43 1.13
CA LYS A 166 17.59 11.06 1.11
C LYS A 166 18.67 10.03 1.41
N ASN A 167 19.90 10.38 1.04
CA ASN A 167 21.09 9.58 1.33
C ASN A 167 21.09 8.26 0.56
N LEU A 168 20.51 8.26 -0.63
CA LEU A 168 20.57 7.11 -1.51
C LEU A 168 21.88 7.11 -2.29
N GLU A 169 22.40 5.91 -2.55
CA GLU A 169 23.59 5.78 -3.38
C GLU A 169 23.26 6.01 -4.85
N ASN A 170 22.07 5.61 -5.29
CA ASN A 170 21.66 5.75 -6.68
C ASN A 170 20.40 6.59 -6.77
N PHE A 171 20.47 7.85 -6.33
CA PHE A 171 19.30 8.72 -6.40
C PHE A 171 18.92 9.01 -7.83
N GLN A 172 19.88 8.93 -8.75
CA GLN A 172 19.58 9.18 -10.17
C GLN A 172 18.51 8.23 -10.68
N LEU A 173 18.55 6.97 -10.25
CA LEU A 173 17.55 6.00 -10.68
C LEU A 173 16.17 6.36 -10.13
N VAL A 174 16.10 6.61 -8.81
CA VAL A 174 14.83 7.01 -8.21
C VAL A 174 14.25 8.20 -8.96
N GLU A 175 15.10 9.18 -9.28
CA GLU A 175 14.64 10.35 -10.01
C GLU A 175 14.22 9.99 -11.43
N GLY A 176 14.94 9.08 -12.08
CA GLY A 176 14.58 8.68 -13.43
C GLY A 176 13.26 7.93 -13.47
N VAL A 177 13.04 7.01 -12.53
CA VAL A 177 11.80 6.26 -12.49
C VAL A 177 10.63 7.21 -12.25
N GLN A 178 10.74 8.07 -11.24
CA GLN A 178 9.71 9.07 -10.97
C GLN A 178 9.35 9.82 -12.25
N GLU A 179 10.36 10.26 -13.00
CA GLU A 179 10.11 11.05 -14.19
C GLU A 179 9.44 10.22 -15.29
N GLN A 180 9.90 8.99 -15.50
CA GLN A 180 9.39 8.19 -16.62
C GLN A 180 8.01 7.62 -16.33
N VAL A 181 7.75 7.21 -15.09
CA VAL A 181 6.41 6.76 -14.71
C VAL A 181 5.44 7.93 -14.84
N ASN A 182 5.86 9.12 -14.42
CA ASN A 182 5.02 10.30 -14.55
C ASN A 182 4.69 10.58 -16.01
N ALA A 183 5.68 10.45 -16.90
CA ALA A 183 5.44 10.69 -18.32
C ALA A 183 4.55 9.63 -18.93
N ALA A 184 4.65 8.38 -18.47
CA ALA A 184 3.79 7.33 -19.00
C ALA A 184 2.35 7.51 -18.54
N LEU A 185 2.14 7.81 -17.26
CA LEU A 185 0.79 8.05 -16.77
C LEU A 185 0.14 9.21 -17.51
N LEU A 186 0.88 10.30 -17.68
CA LEU A 186 0.36 11.45 -18.43
C LEU A 186 -0.04 11.03 -19.85
N ASP A 187 0.73 10.12 -20.45
CA ASP A 187 0.40 9.64 -21.79
C ASP A 187 -0.76 8.65 -21.76
N TYR A 188 -0.82 7.80 -20.73
CA TYR A 188 -1.88 6.80 -20.66
C TYR A 188 -3.25 7.45 -20.47
N THR A 189 -3.34 8.41 -19.55
CA THR A 189 -4.62 9.08 -19.31
C THR A 189 -5.04 9.92 -20.52
N MET A 190 -4.07 10.54 -21.18
CA MET A 190 -4.37 11.37 -22.35
C MET A 190 -4.95 10.52 -23.48
N CYS A 191 -4.39 9.33 -23.69
CA CYS A 191 -4.80 8.49 -24.81
C CYS A 191 -6.08 7.73 -24.52
N ASN A 192 -6.25 7.24 -23.29
CA ASN A 192 -7.37 6.38 -22.94
C ASN A 192 -8.55 7.11 -22.33
N TYR A 193 -8.36 8.34 -21.86
CA TYR A 193 -9.44 9.15 -21.32
C TYR A 193 -9.34 10.56 -21.89
N PRO A 194 -9.41 10.71 -23.21
CA PRO A 194 -9.18 12.02 -23.83
C PRO A 194 -10.16 13.08 -23.39
N GLN A 195 -11.34 12.70 -22.92
CA GLN A 195 -12.36 13.65 -22.50
C GLN A 195 -12.26 14.02 -21.02
N GLN A 196 -11.23 13.53 -20.33
CA GLN A 196 -11.03 13.81 -18.91
C GLN A 196 -9.73 14.61 -18.78
N THR A 197 -9.81 15.91 -19.08
CA THR A 197 -8.65 16.78 -18.91
C THR A 197 -8.14 16.77 -17.48
N GLU A 198 -9.03 16.60 -16.50
CA GLU A 198 -8.67 16.72 -15.10
C GLU A 198 -8.09 15.45 -14.50
N LYS A 199 -8.13 14.32 -15.21
CA LYS A 199 -7.86 13.04 -14.58
C LYS A 199 -6.42 12.96 -14.08
N PHE A 200 -5.45 13.29 -14.93
CA PHE A 200 -4.05 13.24 -14.53
C PHE A 200 -3.84 13.98 -13.21
N GLY A 201 -4.11 15.28 -13.20
CA GLY A 201 -3.89 16.06 -12.00
C GLY A 201 -4.66 15.53 -10.81
N GLN A 202 -5.90 15.09 -11.02
CA GLN A 202 -6.70 14.57 -9.92
C GLN A 202 -6.08 13.30 -9.34
N LEU A 203 -5.39 12.51 -10.17
CA LEU A 203 -4.70 11.34 -9.65
C LEU A 203 -3.49 11.74 -8.81
N LEU A 204 -2.64 12.62 -9.35
CA LEU A 204 -1.43 13.01 -8.63
C LEU A 204 -1.77 13.73 -7.33
N LEU A 205 -2.84 14.54 -7.34
CA LEU A 205 -3.24 15.24 -6.12
C LEU A 205 -3.67 14.29 -5.01
N ARG A 206 -3.90 13.01 -5.31
CA ARG A 206 -4.24 12.05 -4.27
C ARG A 206 -3.01 11.53 -3.54
N LEU A 207 -1.83 11.57 -4.17
CA LEU A 207 -0.63 11.04 -3.52
C LEU A 207 -0.27 11.84 -2.27
N PRO A 208 -0.27 13.18 -2.28
CA PRO A 208 -0.06 13.89 -1.01
C PRO A 208 -1.10 13.55 0.03
N GLU A 209 -2.36 13.38 -0.38
CA GLU A 209 -3.41 13.00 0.57
C GLU A 209 -3.15 11.61 1.15
N ILE A 210 -2.78 10.66 0.29
CA ILE A 210 -2.45 9.31 0.78
C ILE A 210 -1.24 9.37 1.71
N ARG A 211 -0.26 10.19 1.37
CA ARG A 211 0.90 10.38 2.24
C ARG A 211 0.48 10.85 3.62
N ALA A 212 -0.41 11.86 3.67
CA ALA A 212 -0.84 12.41 4.96
C ALA A 212 -1.57 11.37 5.79
N ILE A 213 -2.53 10.66 5.16
CA ILE A 213 -3.26 9.62 5.89
C ILE A 213 -2.29 8.58 6.44
N SER A 214 -1.34 8.14 5.62
CA SER A 214 -0.45 7.05 6.02
C SER A 214 0.53 7.50 7.10
N MET A 215 1.07 8.73 6.97
CA MET A 215 1.98 9.24 7.99
C MET A 215 1.25 9.41 9.32
N GLN A 216 0.01 9.88 9.28
CA GLN A 216 -0.79 10.00 10.50
C GLN A 216 -1.14 8.63 11.06
N ALA A 217 -1.38 7.65 10.18
CA ALA A 217 -1.65 6.29 10.64
C ALA A 217 -0.42 5.70 11.34
N GLU A 218 0.77 5.95 10.79
CA GLU A 218 1.99 5.50 11.45
C GLU A 218 2.12 6.11 12.83
N GLU A 219 1.97 7.44 12.93
CA GLU A 219 2.10 8.11 14.21
C GLU A 219 1.12 7.54 15.23
N TYR A 220 -0.10 7.22 14.79
CA TYR A 220 -1.07 6.62 15.71
C TYR A 220 -0.66 5.22 16.11
N LEU A 221 -0.20 4.41 15.16
CA LEU A 221 0.21 3.04 15.49
C LEU A 221 1.42 3.04 16.41
N TYR A 222 2.37 3.94 16.18
CA TYR A 222 3.48 4.08 17.11
C TYR A 222 2.98 4.42 18.52
N TYR A 223 2.01 5.34 18.59
CA TYR A 223 1.39 5.64 19.87
C TYR A 223 0.78 4.39 20.51
N LYS A 224 0.02 3.63 19.72
CA LYS A 224 -0.60 2.42 20.24
C LYS A 224 0.45 1.41 20.69
N HIS A 225 1.61 1.39 20.03
CA HIS A 225 2.68 0.48 20.43
C HIS A 225 3.27 0.89 21.77
N LEU A 226 3.59 2.17 21.94
CA LEU A 226 4.07 2.66 23.22
C LEU A 226 3.06 2.44 24.34
N ASN A 227 1.77 2.33 24.00
CA ASN A 227 0.73 2.05 24.97
C ASN A 227 0.67 0.58 25.35
N GLY A 228 1.39 -0.29 24.65
CA GLY A 228 1.32 -1.71 24.91
C GLY A 228 0.16 -2.41 24.23
N ASP A 229 -0.40 -1.81 23.19
CA ASP A 229 -1.57 -2.34 22.51
C ASP A 229 -1.25 -3.16 21.27
N VAL A 230 0.00 -3.11 20.78
CA VAL A 230 0.39 -3.90 19.62
C VAL A 230 1.24 -5.10 20.04
N ASN A 233 6.37 -8.75 18.61
CA ASN A 233 7.48 -8.22 17.82
C ASN A 233 7.54 -8.89 16.45
N ASN A 234 7.30 -8.11 15.40
CA ASN A 234 7.16 -8.63 14.05
C ASN A 234 7.67 -7.57 13.07
N LEU A 235 7.30 -7.71 11.80
CA LEU A 235 7.76 -6.78 10.78
C LEU A 235 7.13 -5.41 10.96
N LEU A 236 5.85 -5.37 11.37
CA LEU A 236 5.19 -4.08 11.56
C LEU A 236 5.91 -3.23 12.59
N ILE A 237 6.35 -3.84 13.70
CA ILE A 237 7.08 -3.09 14.71
C ILE A 237 8.40 -2.59 14.15
N GLU A 238 9.15 -3.47 13.48
CA GLU A 238 10.44 -3.07 12.94
C GLU A 238 10.32 -1.85 12.03
N MET A 239 9.26 -1.79 11.23
CA MET A 239 9.08 -0.67 10.30
C MET A 239 8.70 0.61 11.03
N LEU A 240 7.98 0.50 12.15
CA LEU A 240 7.62 1.69 12.91
C LEU A 240 8.86 2.33 13.55
N HIS A 241 9.77 1.51 14.08
CA HIS A 241 10.94 2.05 14.75
C HIS A 241 11.96 2.59 13.74
N ALA A 242 12.25 1.81 12.71
CA ALA A 242 13.21 2.23 11.70
C ALA A 242 12.79 3.55 11.05
N ASN B 3 17.40 -2.51 11.13
CA ASN B 3 16.23 -3.32 10.84
C ASN B 3 16.63 -4.65 10.21
N ALA B 4 17.04 -5.59 11.06
CA ALA B 4 17.60 -6.85 10.57
C ALA B 4 16.56 -7.64 9.78
N LEU B 5 15.31 -7.66 10.23
CA LEU B 5 14.29 -8.46 9.58
C LEU B 5 14.07 -8.02 8.14
N LEU B 6 14.05 -6.70 7.90
CA LEU B 6 13.82 -6.20 6.54
C LEU B 6 14.97 -6.55 5.61
N ARG B 7 16.21 -6.40 6.08
CA ARG B 7 17.36 -6.78 5.26
C ARG B 7 17.32 -8.28 4.95
N TYR B 8 16.87 -9.09 5.90
CA TYR B 8 16.79 -10.53 5.68
C TYR B 8 15.76 -10.86 4.60
N LEU B 9 14.60 -10.20 4.64
CA LEU B 9 13.56 -10.48 3.64
C LEU B 9 13.99 -10.08 2.25
N LEU B 10 14.92 -9.13 2.12
CA LEU B 10 15.42 -8.71 0.81
C LEU B 10 16.54 -9.61 0.31
N ASP B 11 17.21 -10.35 1.19
CA ASP B 11 18.36 -11.16 0.80
C ASP B 11 18.07 -12.66 0.74
N LYS B 12 17.05 -13.13 1.46
CA LYS B 12 16.88 -14.57 1.62
C LYS B 12 16.59 -15.23 0.27
N ASP B 13 17.05 -16.47 0.14
CA ASP B 13 16.94 -17.21 -1.12
C ASP B 13 15.63 -18.00 -1.17
#